data_8CR9
#
_entry.id   8CR9
#
loop_
_entity.id
_entity.type
_entity.pdbx_description
1 polymer 'Heavy chain'
2 polymer 'light chain'
3 polymer 'Maltose/maltodextrin-binding periplasmic protein,Type III secretion protein PcrV'
#
loop_
_entity_poly.entity_id
_entity_poly.type
_entity_poly.pdbx_seq_one_letter_code
_entity_poly.pdbx_strand_id
1 'polypeptide(L)'
;EGQLLESGGGLAQPGGSLRLSCTASGFTFSKNAMNWVRQAPGKRLEWVAGIIGNGSDTYYADSVKGRFTISRDNSKNTVS
LQMNSLRAEDSAIYYCAKDRHPWRWLQLFDSWGQGTLVTVSSASTKGPSVFPLAPSSKSTSGGTAALGCLVKDYFPEPVT
VSWNSGALTSGVHTFPAVLQSSGLYSLSSVVTVPSSSLGTQTYICNVNHKPSNTKVDKRVEP
;
A
2 'polypeptide(L)'
;DIQLTQSPSTVSASLGDRVTITCRASQDIGSWLAWYQQKPGKAPKLLIYKASNVESGVPSRFSGSESGTEFTLTISSLQP
DDVATYFCQYYNSYSHATVTFGPGTKVDIKRTVAAPSVFIFPPSDEQLKSGTASVVCLLNNFYPREAKVQWKVDNALQSG
NSQESVTEQDSKDSTYSLSSTLTLSKADYEKHKVYACEVTHQGLSSPVTKSFNRGEC
;
B
3 'polypeptide(L)'
;MGSWSHPQFEKGGGSGGGSGGGSWSHPQFEKSGLVPRGSASKTEEGKLVIWINGDKGYNGLAEVGKKFEKDTGIKVTVEH
PDKLEEKFPQVAATGDGPDIIFWAHDRFGGYAQSGLLAEITPAAAFQDKLYPFTWDAVRYNGKLIAYPIAVEALSLIYNK
DLLPNPPKTWEEIPALDKELKAKGKSALMFNLQEPYFTWPLIAADGGYAFKYAAGKYDIKDVGVDNAGAKAGLTFLVDLI
KNKHMNADTDYSIAEHAFNHGETAMTINGPWAWSNIDTSKVNYGVTVLPTFKGQPSKPFVGVLSAGINAASPNKELAKEF
LENYLLTDEGLEAVNKDKPLGAVALKSYEEELVKDPRVAATMENAQKGEIMPNIPQMSAFWYAVRTAVINAASGRQTVDE
VRNLNAARELFLDELLAAPAAPASAEQEELLALLRSERIVLAHAGQPLSEAQVLKALAWLLAANPSAPPGQGLEVLREVL
QARRQPGAQWDLREFLVSAYFSLHGRLDEDVIGVYKDVLQTQDGKRKALLDELKALTAELKVYSVIQSQINAALSAKQGI
RIDAGGIDLVDPTLYGYAVGDPRWKDSPEYALLSNLDTFSGKLSIKDFLSGSPKQSGELKGLKDEYPFEKDNNPVGNFAT
TVSDRSRPLNDKVNEKTTLLNDTSSRYNSAVEALNRFIQKYDSVLRDILSAI
;
C
#
# COMPACT_ATOMS: atom_id res chain seq x y z
N GLU A 1 12.72 -18.31 -6.56
CA GLU A 1 11.26 -18.13 -6.49
C GLU A 1 10.76 -17.14 -7.54
N GLY A 2 9.46 -17.20 -7.88
CA GLY A 2 8.80 -16.24 -8.79
C GLY A 2 8.93 -14.78 -8.36
N GLN A 3 8.73 -13.86 -9.31
CA GLN A 3 9.02 -12.44 -9.17
C GLN A 3 7.89 -11.60 -9.77
N LEU A 4 7.64 -10.43 -9.19
CA LEU A 4 6.79 -9.39 -9.78
C LEU A 4 7.59 -8.07 -9.90
N LEU A 5 7.35 -7.29 -10.95
CA LEU A 5 8.05 -6.02 -11.21
C LEU A 5 7.21 -5.04 -12.05
N GLU A 6 6.78 -3.95 -11.44
CA GLU A 6 5.94 -2.90 -12.02
C GLU A 6 6.71 -1.85 -12.84
N SER A 7 5.97 -0.96 -13.52
CA SER A 7 6.48 0.14 -14.34
C SER A 7 5.47 1.30 -14.42
N GLY A 8 5.89 2.47 -14.92
CA GLY A 8 5.02 3.64 -15.05
C GLY A 8 4.79 4.40 -13.74
N GLY A 9 5.76 4.33 -12.82
CA GLY A 9 5.74 4.92 -11.47
C GLY A 9 5.84 6.45 -11.42
N GLY A 10 5.05 7.13 -12.25
CA GLY A 10 5.11 8.55 -12.52
C GLY A 10 3.81 9.29 -12.18
N LEU A 11 3.19 9.89 -13.20
CA LEU A 11 2.36 11.07 -13.08
C LEU A 11 1.07 10.99 -13.89
N ALA A 12 0.02 11.67 -13.42
CA ALA A 12 -1.22 11.93 -14.14
C ALA A 12 -1.82 13.28 -13.73
N GLN A 13 -2.80 13.76 -14.50
CA GLN A 13 -3.54 15.00 -14.24
C GLN A 13 -4.92 14.70 -13.66
N PRO A 14 -5.41 15.46 -12.66
CA PRO A 14 -6.65 15.17 -11.96
C PRO A 14 -7.84 15.24 -12.92
N GLY A 15 -8.74 14.26 -12.83
CA GLY A 15 -9.85 14.08 -13.77
C GLY A 15 -9.44 13.56 -15.15
N GLY A 16 -8.14 13.38 -15.41
CA GLY A 16 -7.61 12.72 -16.61
C GLY A 16 -7.67 11.19 -16.50
N SER A 17 -6.81 10.49 -17.24
CA SER A 17 -6.79 9.03 -17.25
C SER A 17 -5.38 8.44 -17.29
N LEU A 18 -5.26 7.21 -16.80
CA LEU A 18 -4.00 6.59 -16.42
C LEU A 18 -4.05 5.07 -16.65
N ARG A 19 -2.89 4.45 -16.89
CA ARG A 19 -2.75 3.00 -17.01
C ARG A 19 -1.40 2.55 -16.49
N LEU A 20 -1.39 1.72 -15.45
CA LEU A 20 -0.19 1.17 -14.83
C LEU A 20 0.25 -0.10 -15.57
N SER A 21 0.98 -1.02 -14.94
CA SER A 21 1.31 -2.34 -15.48
C SER A 21 1.90 -3.28 -14.43
N CYS A 22 1.83 -4.57 -14.69
CA CYS A 22 2.75 -5.58 -14.16
C CYS A 22 3.74 -6.00 -15.25
N THR A 23 4.73 -6.84 -14.93
CA THR A 23 5.41 -7.75 -15.86
C THR A 23 5.82 -9.01 -15.09
N ALA A 24 4.83 -9.83 -14.74
CA ALA A 24 5.03 -11.01 -13.88
C ALA A 24 5.99 -12.04 -14.50
N SER A 25 7.04 -12.43 -13.78
CA SER A 25 8.14 -13.23 -14.34
C SER A 25 7.74 -14.69 -14.61
N GLY A 26 7.62 -15.06 -15.88
CA GLY A 26 7.29 -16.43 -16.31
C GLY A 26 5.90 -16.91 -15.90
N PHE A 27 5.03 -16.02 -15.43
CA PHE A 27 3.71 -16.37 -14.90
C PHE A 27 2.79 -16.95 -16.00
N THR A 28 2.17 -18.09 -15.70
CA THR A 28 1.06 -18.68 -16.46
C THR A 28 -0.20 -18.63 -15.59
N PHE A 29 -1.28 -18.03 -16.08
CA PHE A 29 -2.53 -17.87 -15.33
C PHE A 29 -3.20 -19.22 -15.01
N SER A 30 -3.76 -19.37 -13.80
CA SER A 30 -4.12 -20.67 -13.20
C SER A 30 -5.36 -20.55 -12.27
N LYS A 31 -5.58 -21.50 -11.35
CA LYS A 31 -6.55 -21.39 -10.23
C LYS A 31 -6.24 -20.17 -9.35
N ASN A 32 -4.97 -20.07 -8.95
CA ASN A 32 -4.41 -18.87 -8.33
C ASN A 32 -4.08 -17.83 -9.42
N ALA A 33 -4.22 -16.54 -9.10
CA ALA A 33 -4.17 -15.43 -10.04
C ALA A 33 -3.52 -14.19 -9.41
N MET A 34 -3.75 -13.02 -10.02
CA MET A 34 -3.26 -11.71 -9.57
C MET A 34 -4.38 -10.76 -9.19
N ASN A 35 -4.06 -9.78 -8.35
CA ASN A 35 -5.00 -8.82 -7.76
C ASN A 35 -4.26 -7.52 -7.38
N TRP A 36 -4.98 -6.41 -7.21
CA TRP A 36 -4.39 -5.07 -7.13
C TRP A 36 -4.78 -4.33 -5.85
N VAL A 37 -3.83 -4.08 -4.95
CA VAL A 37 -4.08 -3.54 -3.60
C VAL A 37 -3.63 -2.08 -3.50
N ARG A 38 -4.49 -1.17 -3.00
CA ARG A 38 -4.22 0.27 -2.92
C ARG A 38 -3.65 0.70 -1.56
N GLN A 39 -2.34 0.64 -1.35
CA GLN A 39 -1.72 1.22 -0.16
C GLN A 39 -1.99 2.73 -0.09
N ALA A 40 -2.76 3.18 0.88
CA ALA A 40 -3.02 4.59 1.08
C ALA A 40 -1.77 5.32 1.65
N PRO A 41 -1.73 6.67 1.64
CA PRO A 41 -0.56 7.43 2.09
C PRO A 41 -0.26 7.25 3.58
N GLY A 42 0.81 6.53 3.90
CA GLY A 42 1.30 6.28 5.26
C GLY A 42 0.45 5.28 6.06
N LYS A 43 -0.75 5.69 6.46
CA LYS A 43 -1.69 4.91 7.29
C LYS A 43 -2.47 3.91 6.46
N ARG A 44 -2.53 2.64 6.88
CA ARG A 44 -3.38 1.63 6.23
C ARG A 44 -4.87 1.82 6.59
N LEU A 45 -5.54 2.71 5.87
CA LEU A 45 -6.97 3.02 6.01
C LEU A 45 -7.85 1.78 5.70
N GLU A 46 -9.11 1.75 6.16
CA GLU A 46 -9.92 0.50 6.13
C GLU A 46 -10.31 -0.04 4.74
N TRP A 47 -11.12 0.67 3.96
CA TRP A 47 -11.73 0.15 2.71
C TRP A 47 -10.73 -0.17 1.58
N VAL A 48 -9.44 0.03 1.82
CA VAL A 48 -8.29 -0.04 0.91
C VAL A 48 -8.18 -1.31 0.05
N ALA A 49 -8.25 -2.48 0.66
CA ALA A 49 -7.57 -3.64 0.12
C ALA A 49 -8.31 -4.38 -1.00
N GLY A 50 -7.61 -5.32 -1.64
CA GLY A 50 -8.21 -6.38 -2.45
C GLY A 50 -9.08 -5.89 -3.62
N ILE A 51 -8.67 -4.85 -4.37
CA ILE A 51 -9.28 -4.52 -5.66
C ILE A 51 -8.90 -5.58 -6.71
N ILE A 52 -9.79 -5.82 -7.67
CA ILE A 52 -9.68 -6.85 -8.69
C ILE A 52 -9.61 -8.26 -8.09
N GLY A 53 -10.76 -8.89 -7.85
CA GLY A 53 -10.85 -10.15 -7.11
C GLY A 53 -10.04 -11.32 -7.70
N ASN A 54 -9.78 -11.31 -9.00
CA ASN A 54 -9.16 -12.42 -9.72
C ASN A 54 -8.88 -11.99 -11.17
N GLY A 55 -7.62 -11.83 -11.56
CA GLY A 55 -7.22 -11.51 -12.94
C GLY A 55 -7.81 -10.20 -13.48
N SER A 56 -8.95 -10.28 -14.17
CA SER A 56 -9.69 -9.13 -14.72
C SER A 56 -10.98 -8.78 -13.97
N ASP A 57 -11.29 -9.42 -12.84
CA ASP A 57 -12.59 -9.30 -12.17
C ASP A 57 -12.68 -8.01 -11.36
N THR A 58 -13.22 -6.95 -11.96
CA THR A 58 -13.51 -5.70 -11.26
C THR A 58 -14.30 -5.94 -9.98
N TYR A 59 -13.88 -5.29 -8.89
CA TYR A 59 -14.58 -5.28 -7.60
C TYR A 59 -14.04 -4.19 -6.68
N TYR A 60 -14.94 -3.41 -6.05
CA TYR A 60 -14.67 -2.53 -4.92
C TYR A 60 -15.99 -2.07 -4.25
N ALA A 61 -15.90 -1.12 -3.32
CA ALA A 61 -17.01 -0.24 -2.95
C ALA A 61 -17.37 0.77 -4.08
N ASP A 62 -18.57 1.36 -3.99
CA ASP A 62 -19.07 2.39 -4.93
C ASP A 62 -18.11 3.59 -5.11
N SER A 63 -17.22 3.84 -4.14
CA SER A 63 -16.26 4.95 -4.15
C SER A 63 -15.27 4.91 -5.32
N VAL A 64 -15.01 3.74 -5.93
CA VAL A 64 -14.31 3.63 -7.23
C VAL A 64 -15.02 2.75 -8.26
N LYS A 65 -16.11 2.06 -7.89
CA LYS A 65 -16.77 1.05 -8.74
C LYS A 65 -17.02 1.57 -10.17
N GLY A 66 -16.64 0.75 -11.15
CA GLY A 66 -16.67 1.10 -12.57
C GLY A 66 -15.39 1.75 -13.11
N ARG A 67 -14.54 2.38 -12.29
CA ARG A 67 -13.28 2.97 -12.79
C ARG A 67 -12.25 1.92 -13.17
N PHE A 68 -12.08 0.90 -12.34
CA PHE A 68 -10.92 0.01 -12.34
C PHE A 68 -10.98 -1.11 -13.40
N THR A 69 -11.47 -0.85 -14.60
CA THR A 69 -11.62 -1.84 -15.68
C THR A 69 -10.25 -2.30 -16.25
N ILE A 70 -9.60 -3.17 -15.50
CA ILE A 70 -8.40 -3.92 -15.85
C ILE A 70 -8.51 -4.68 -17.18
N SER A 71 -7.40 -4.71 -17.92
CA SER A 71 -7.23 -5.48 -19.15
C SER A 71 -6.79 -6.94 -18.85
N ARG A 72 -5.96 -7.55 -19.71
CA ARG A 72 -5.50 -8.94 -19.67
C ARG A 72 -4.14 -9.11 -20.35
N ASP A 73 -3.47 -10.21 -20.04
CA ASP A 73 -2.30 -10.81 -20.73
C ASP A 73 -1.95 -12.14 -19.99
N ASN A 74 -0.78 -12.76 -20.20
CA ASN A 74 -0.15 -13.65 -19.21
C ASN A 74 0.85 -12.93 -18.27
N SER A 75 1.16 -11.64 -18.45
CA SER A 75 2.18 -10.94 -17.65
C SER A 75 1.86 -9.48 -17.30
N LYS A 76 1.14 -8.77 -18.17
CA LYS A 76 0.86 -7.33 -18.01
C LYS A 76 -0.27 -7.01 -17.05
N ASN A 77 -1.25 -7.91 -16.89
CA ASN A 77 -2.27 -7.93 -15.83
C ASN A 77 -2.78 -6.54 -15.40
N THR A 78 -3.06 -5.67 -16.35
CA THR A 78 -2.96 -4.22 -16.18
C THR A 78 -4.13 -3.53 -15.49
N VAL A 79 -3.96 -3.11 -14.24
CA VAL A 79 -4.88 -2.13 -13.61
C VAL A 79 -4.87 -0.83 -14.41
N SER A 80 -6.01 -0.16 -14.47
CA SER A 80 -6.29 0.77 -15.56
C SER A 80 -7.50 1.63 -15.26
N LEU A 81 -7.41 2.91 -15.59
CA LEU A 81 -8.49 3.89 -15.52
C LEU A 81 -8.60 4.62 -16.87
N GLN A 82 -8.50 3.89 -17.99
CA GLN A 82 -8.17 4.37 -19.35
C GLN A 82 -8.99 5.58 -19.86
N MET A 83 -10.27 5.66 -19.52
CA MET A 83 -11.15 6.82 -19.77
C MET A 83 -11.78 7.36 -18.48
N ASN A 84 -11.28 6.96 -17.30
CA ASN A 84 -12.08 6.86 -16.08
C ASN A 84 -11.59 7.79 -14.95
N SER A 85 -11.35 9.06 -15.28
CA SER A 85 -11.41 10.21 -14.35
C SER A 85 -10.69 10.00 -13.00
N LEU A 86 -9.36 9.80 -13.05
CA LEU A 86 -8.50 9.57 -11.89
C LEU A 86 -8.65 10.70 -10.85
N ARG A 87 -9.15 10.42 -9.66
CA ARG A 87 -9.42 11.45 -8.62
C ARG A 87 -8.25 11.68 -7.69
N ALA A 88 -8.28 12.75 -6.90
CA ALA A 88 -7.26 13.01 -5.88
C ALA A 88 -7.17 11.87 -4.85
N GLU A 89 -8.31 11.26 -4.51
CA GLU A 89 -8.38 10.05 -3.66
C GLU A 89 -7.70 8.83 -4.29
N ASP A 90 -7.46 8.84 -5.61
CA ASP A 90 -6.79 7.76 -6.33
C ASP A 90 -5.28 7.98 -6.43
N SER A 91 -4.72 9.06 -5.88
CA SER A 91 -3.26 9.14 -5.66
C SER A 91 -2.87 8.30 -4.44
N ALA A 92 -2.07 7.25 -4.67
CA ALA A 92 -1.77 6.19 -3.71
C ALA A 92 -0.59 5.36 -4.23
N ILE A 93 -0.28 4.23 -3.59
CA ILE A 93 0.67 3.24 -4.12
C ILE A 93 -0.10 1.97 -4.49
N TYR A 94 -0.04 1.52 -5.74
CA TYR A 94 -0.80 0.36 -6.21
C TYR A 94 0.08 -0.86 -6.35
N TYR A 95 -0.21 -1.93 -5.61
CA TYR A 95 0.63 -3.11 -5.56
C TYR A 95 0.01 -4.25 -6.34
N CYS A 96 0.80 -4.91 -7.19
CA CYS A 96 0.49 -6.27 -7.57
C CYS A 96 0.51 -7.17 -6.34
N ALA A 97 -0.34 -8.18 -6.32
CA ALA A 97 -0.21 -9.31 -5.42
C ALA A 97 -0.51 -10.60 -6.19
N LYS A 98 -0.06 -11.72 -5.66
CA LYS A 98 -0.37 -13.05 -6.18
C LYS A 98 -0.85 -13.98 -5.07
N ASP A 99 -1.79 -14.87 -5.35
CA ASP A 99 -2.38 -15.79 -4.38
C ASP A 99 -1.49 -17.01 -4.06
N ARG A 100 -0.42 -16.75 -3.30
CA ARG A 100 0.58 -17.71 -2.82
C ARG A 100 -0.03 -18.90 -2.06
N HIS A 101 0.68 -20.03 -2.04
CA HIS A 101 0.42 -21.15 -1.13
C HIS A 101 1.72 -21.59 -0.43
N PRO A 102 1.68 -22.20 0.77
CA PRO A 102 2.85 -22.77 1.45
C PRO A 102 3.22 -24.17 0.88
N TRP A 103 3.73 -25.08 1.72
CA TRP A 103 3.96 -26.51 1.40
C TRP A 103 5.08 -26.83 0.40
N ARG A 104 6.08 -25.94 0.27
CA ARG A 104 7.37 -26.11 -0.45
C ARG A 104 7.35 -26.33 -1.98
N TRP A 105 6.25 -26.84 -2.56
CA TRP A 105 6.12 -26.99 -4.02
C TRP A 105 5.87 -25.64 -4.71
N LEU A 106 5.48 -25.65 -6.00
CA LEU A 106 5.13 -24.45 -6.75
C LEU A 106 4.07 -23.60 -6.02
N GLN A 107 3.96 -22.32 -6.39
CA GLN A 107 3.15 -21.30 -5.71
C GLN A 107 3.63 -20.90 -4.30
N LEU A 108 4.60 -21.58 -3.67
CA LEU A 108 5.37 -20.98 -2.58
C LEU A 108 6.44 -20.04 -3.14
N PHE A 109 6.01 -18.86 -3.55
CA PHE A 109 6.86 -17.80 -4.10
C PHE A 109 6.51 -16.44 -3.47
N ASP A 110 7.48 -15.65 -3.00
CA ASP A 110 7.24 -14.30 -2.44
C ASP A 110 6.35 -13.48 -3.39
N SER A 111 5.26 -12.93 -2.86
CA SER A 111 4.05 -12.69 -3.66
C SER A 111 3.62 -11.24 -3.85
N TRP A 112 4.40 -10.25 -3.46
CA TRP A 112 4.01 -8.84 -3.59
C TRP A 112 4.95 -8.03 -4.47
N GLY A 113 4.39 -7.10 -5.23
CA GLY A 113 5.09 -6.26 -6.18
C GLY A 113 5.85 -5.10 -5.54
N GLN A 114 6.71 -4.43 -6.31
CA GLN A 114 7.60 -3.40 -5.81
C GLN A 114 6.91 -2.05 -5.55
N GLY A 115 5.62 -1.93 -5.82
CA GLY A 115 4.77 -0.86 -5.34
C GLY A 115 4.84 0.39 -6.18
N THR A 116 4.15 0.41 -7.32
CA THR A 116 4.11 1.59 -8.18
C THR A 116 3.31 2.74 -7.55
N LEU A 117 3.97 3.87 -7.34
CA LEU A 117 3.35 5.12 -6.92
C LEU A 117 2.41 5.67 -8.01
N VAL A 118 1.59 6.68 -7.69
CA VAL A 118 0.85 7.53 -8.64
C VAL A 118 0.80 8.97 -8.13
N THR A 119 1.63 9.83 -8.69
CA THR A 119 1.59 11.29 -8.43
C THR A 119 0.45 11.93 -9.21
N VAL A 120 -0.32 12.81 -8.58
CA VAL A 120 -1.26 13.70 -9.29
C VAL A 120 -0.91 15.15 -8.98
N SER A 121 -0.54 15.94 -9.99
CA SER A 121 -0.13 17.34 -9.81
C SER A 121 -0.20 18.13 -11.12
N SER A 122 -0.90 19.27 -11.07
CA SER A 122 -0.98 20.24 -12.17
C SER A 122 0.07 21.35 -12.09
N ALA A 123 1.16 21.13 -11.34
CA ALA A 123 2.34 21.99 -11.39
C ALA A 123 3.05 21.92 -12.76
N SER A 124 3.70 23.00 -13.16
CA SER A 124 4.82 22.93 -14.12
C SER A 124 6.05 22.29 -13.45
N THR A 125 7.09 21.98 -14.22
CA THR A 125 8.43 21.85 -13.61
C THR A 125 8.77 23.13 -12.85
N LYS A 126 9.44 23.01 -11.71
CA LYS A 126 9.90 24.13 -10.88
C LYS A 126 11.29 23.80 -10.29
N GLY A 127 12.20 24.76 -10.37
CA GLY A 127 13.53 24.61 -9.81
C GLY A 127 13.52 24.68 -8.27
N PRO A 128 14.36 23.89 -7.59
CA PRO A 128 14.42 23.86 -6.13
C PRO A 128 14.93 25.17 -5.51
N SER A 129 14.33 25.60 -4.41
CA SER A 129 14.92 26.60 -3.51
C SER A 129 15.99 25.92 -2.64
N VAL A 130 17.23 25.88 -3.13
CA VAL A 130 18.35 25.18 -2.47
C VAL A 130 18.96 26.03 -1.35
N PHE A 131 19.29 25.42 -0.21
CA PHE A 131 20.00 26.08 0.90
C PHE A 131 20.88 25.10 1.70
N PRO A 132 22.22 25.09 1.57
CA PRO A 132 23.10 24.53 2.59
C PRO A 132 23.02 25.33 3.90
N LEU A 133 23.29 24.65 5.02
CA LEU A 133 22.88 25.03 6.36
C LEU A 133 24.01 24.66 7.35
N ALA A 134 24.71 25.68 7.84
CA ALA A 134 25.84 25.58 8.76
C ALA A 134 25.42 25.12 10.18
N PRO A 135 26.32 24.54 11.00
CA PRO A 135 25.99 24.11 12.35
C PRO A 135 25.97 25.30 13.33
N SER A 136 25.16 25.23 14.39
CA SER A 136 25.31 26.16 15.52
C SER A 136 26.44 25.72 16.44
N SER A 137 27.10 26.65 17.12
CA SER A 137 28.14 26.33 18.12
C SER A 137 27.60 25.44 19.24
N LYS A 138 26.35 25.66 19.64
CA LYS A 138 25.59 24.86 20.63
C LYS A 138 25.54 23.37 20.30
N SER A 139 25.54 23.01 19.02
CA SER A 139 25.51 21.61 18.57
C SER A 139 26.81 20.84 18.83
N THR A 140 27.92 21.53 19.12
CA THR A 140 29.26 20.93 19.15
C THR A 140 29.43 20.11 20.44
N SER A 141 28.91 18.89 20.45
CA SER A 141 28.73 18.05 21.64
C SER A 141 28.93 16.57 21.31
N GLY A 142 29.36 15.78 22.29
CA GLY A 142 29.79 14.39 22.08
C GLY A 142 30.97 14.26 21.09
N GLY A 143 31.70 15.35 20.83
CA GLY A 143 32.71 15.43 19.78
C GLY A 143 32.15 15.56 18.35
N THR A 144 30.90 15.99 18.17
CA THR A 144 30.17 15.95 16.87
C THR A 144 29.34 17.21 16.61
N ALA A 145 28.96 17.39 15.33
CA ALA A 145 27.92 18.31 14.85
C ALA A 145 27.31 17.75 13.55
N ALA A 146 26.32 18.42 12.98
CA ALA A 146 25.76 18.06 11.68
C ALA A 146 25.42 19.29 10.82
N LEU A 147 25.40 19.13 9.50
CA LEU A 147 25.03 20.18 8.54
C LEU A 147 23.90 19.68 7.65
N GLY A 148 23.06 20.58 7.16
CA GLY A 148 21.98 20.26 6.23
C GLY A 148 22.16 20.88 4.85
N CYS A 149 21.51 20.33 3.85
CA CYS A 149 21.10 21.08 2.68
C CYS A 149 19.61 20.86 2.46
N LEU A 150 18.84 21.91 2.69
CA LEU A 150 17.43 21.99 2.38
C LEU A 150 17.27 22.15 0.86
N VAL A 151 16.27 21.49 0.27
CA VAL A 151 15.96 21.56 -1.16
C VAL A 151 14.44 21.72 -1.26
N LYS A 152 13.92 22.93 -1.03
CA LYS A 152 12.48 23.15 -0.75
C LYS A 152 11.63 23.31 -2.02
N ASP A 153 10.36 22.89 -1.95
CA ASP A 153 9.25 23.16 -2.87
C ASP A 153 9.59 23.12 -4.37
N TYR A 154 9.81 21.92 -4.90
CA TYR A 154 10.15 21.68 -6.30
C TYR A 154 9.25 20.61 -6.94
N PHE A 155 9.29 20.52 -8.26
CA PHE A 155 8.61 19.47 -9.02
C PHE A 155 9.28 19.26 -10.38
N PRO A 156 9.19 18.06 -10.99
CA PRO A 156 8.89 16.77 -10.37
C PRO A 156 10.10 16.14 -9.67
N GLU A 157 9.90 15.05 -8.95
CA GLU A 157 10.95 14.11 -8.58
C GLU A 157 11.57 13.43 -9.83
N PRO A 158 12.73 12.75 -9.72
CA PRO A 158 13.71 12.73 -8.63
C PRO A 158 14.91 13.67 -8.91
N VAL A 159 15.87 13.72 -7.99
CA VAL A 159 17.04 14.62 -8.00
C VAL A 159 18.29 13.88 -7.51
N THR A 160 19.47 14.33 -7.94
CA THR A 160 20.77 13.85 -7.42
C THR A 160 21.46 14.96 -6.63
N VAL A 161 21.87 14.67 -5.39
CA VAL A 161 22.57 15.62 -4.50
C VAL A 161 23.80 14.96 -3.89
N SER A 162 24.91 15.70 -3.78
CA SER A 162 26.18 15.23 -3.19
C SER A 162 26.92 16.38 -2.52
N TRP A 163 28.04 16.08 -1.85
CA TRP A 163 28.88 17.09 -1.21
C TRP A 163 30.36 16.93 -1.59
N ASN A 164 31.14 18.01 -1.42
CA ASN A 164 32.61 18.10 -1.57
C ASN A 164 33.14 17.41 -2.83
N SER A 165 33.01 18.07 -3.98
CA SER A 165 33.36 17.53 -5.32
C SER A 165 32.64 16.23 -5.70
N GLY A 166 31.57 15.87 -4.98
CA GLY A 166 30.89 14.58 -5.12
C GLY A 166 31.60 13.41 -4.41
N ALA A 167 32.68 13.66 -3.68
CA ALA A 167 33.38 12.63 -2.90
C ALA A 167 32.69 12.34 -1.55
N LEU A 168 31.95 13.31 -0.99
CA LEU A 168 31.25 13.18 0.28
C LEU A 168 29.78 12.79 0.05
N THR A 169 29.50 11.49 0.19
CA THR A 169 28.16 10.87 0.16
C THR A 169 28.00 9.72 1.16
N SER A 170 29.09 9.08 1.62
CA SER A 170 29.10 8.30 2.86
C SER A 170 29.24 9.23 4.07
N GLY A 171 28.68 8.88 5.23
CA GLY A 171 28.50 9.83 6.35
C GLY A 171 27.46 10.93 6.05
N VAL A 172 26.64 10.73 5.03
CA VAL A 172 25.57 11.62 4.58
C VAL A 172 24.30 10.80 4.35
N HIS A 173 23.14 11.34 4.72
CA HIS A 173 21.82 10.74 4.47
C HIS A 173 20.82 11.80 4.06
N THR A 174 19.68 11.41 3.49
CA THR A 174 18.69 12.35 2.98
C THR A 174 17.28 11.98 3.41
N PHE A 175 16.54 12.97 3.92
CA PHE A 175 15.12 12.89 4.20
C PHE A 175 14.34 13.10 2.90
N PRO A 176 13.42 12.20 2.51
CA PRO A 176 12.49 12.42 1.41
C PRO A 176 11.48 13.54 1.68
N ALA A 177 10.63 13.81 0.70
CA ALA A 177 9.64 14.87 0.77
C ALA A 177 8.52 14.63 1.81
N VAL A 178 7.70 15.66 2.05
CA VAL A 178 6.31 15.50 2.48
C VAL A 178 5.38 16.07 1.41
N LEU A 179 4.52 15.24 0.81
CA LEU A 179 3.70 15.65 -0.35
C LEU A 179 2.47 16.45 0.08
N GLN A 180 2.57 17.77 0.02
CA GLN A 180 1.45 18.67 0.31
C GLN A 180 0.38 18.61 -0.79
N SER A 181 -0.83 19.09 -0.48
CA SER A 181 -1.93 19.21 -1.45
C SER A 181 -1.60 20.11 -2.66
N SER A 182 -0.64 21.02 -2.53
CA SER A 182 -0.10 21.84 -3.62
C SER A 182 0.70 21.05 -4.67
N GLY A 183 0.98 19.76 -4.45
CA GLY A 183 1.58 18.88 -5.47
C GLY A 183 3.06 19.12 -5.74
N LEU A 184 3.80 19.66 -4.76
CA LEU A 184 5.26 19.81 -4.75
C LEU A 184 5.97 18.81 -3.82
N TYR A 185 7.30 18.74 -3.94
CA TYR A 185 8.20 17.87 -3.19
C TYR A 185 9.42 18.65 -2.66
N SER A 186 10.21 18.02 -1.78
CA SER A 186 11.41 18.59 -1.17
C SER A 186 12.37 17.50 -0.69
N LEU A 187 13.60 17.84 -0.35
CA LEU A 187 14.53 16.97 0.36
C LEU A 187 15.19 17.74 1.49
N SER A 188 15.78 17.03 2.44
CA SER A 188 16.90 17.56 3.24
C SER A 188 18.03 16.56 3.27
N SER A 189 19.16 16.87 2.65
CA SER A 189 20.39 16.12 2.90
C SER A 189 20.96 16.53 4.25
N VAL A 190 21.59 15.62 5.00
CA VAL A 190 22.39 15.95 6.18
C VAL A 190 23.73 15.24 6.18
N VAL A 191 24.77 15.96 6.59
CA VAL A 191 26.14 15.46 6.79
C VAL A 191 26.38 15.26 8.28
N THR A 192 26.80 14.06 8.66
CA THR A 192 27.35 13.80 10.00
C THR A 192 28.80 14.28 10.03
N VAL A 193 29.13 15.29 10.85
CA VAL A 193 30.52 15.80 10.96
C VAL A 193 31.09 15.61 12.36
N PRO A 194 32.19 14.85 12.52
CA PRO A 194 33.01 14.91 13.74
C PRO A 194 33.61 16.29 13.94
N SER A 195 33.80 16.73 15.19
CA SER A 195 34.44 18.03 15.51
C SER A 195 35.86 18.14 14.94
N SER A 196 36.59 17.03 14.88
CA SER A 196 37.90 16.92 14.23
C SER A 196 37.87 17.15 12.70
N SER A 197 36.71 17.06 12.05
CA SER A 197 36.53 17.31 10.62
C SER A 197 36.10 18.74 10.27
N LEU A 198 35.53 19.51 11.19
CA LEU A 198 35.24 20.94 10.96
C LEU A 198 36.53 21.74 10.76
N GLY A 199 36.49 22.76 9.89
CA GLY A 199 37.64 23.58 9.50
C GLY A 199 38.65 22.88 8.58
N THR A 200 38.72 21.55 8.57
CA THR A 200 39.74 20.79 7.81
C THR A 200 39.56 20.82 6.28
N GLN A 201 38.38 21.22 5.79
CA GLN A 201 38.05 21.33 4.37
C GLN A 201 37.13 22.53 4.14
N THR A 202 37.08 23.05 2.91
CA THR A 202 35.91 23.81 2.45
C THR A 202 34.80 22.83 2.08
N TYR A 203 33.62 22.99 2.69
CA TYR A 203 32.45 22.15 2.46
C TYR A 203 31.52 22.78 1.43
N ILE A 204 31.07 22.00 0.44
CA ILE A 204 30.21 22.45 -0.66
C ILE A 204 29.15 21.39 -0.94
N CYS A 205 27.92 21.81 -1.24
CA CYS A 205 26.85 20.93 -1.70
C CYS A 205 26.63 21.08 -3.22
N ASN A 206 26.47 19.95 -3.93
CA ASN A 206 26.22 19.85 -5.36
C ASN A 206 24.78 19.37 -5.60
N VAL A 207 23.99 20.11 -6.38
CA VAL A 207 22.63 19.76 -6.78
C VAL A 207 22.55 19.57 -8.30
N ASN A 208 22.19 18.37 -8.75
CA ASN A 208 21.92 18.07 -10.14
C ASN A 208 20.41 17.94 -10.35
N HIS A 209 19.74 19.06 -10.62
CA HIS A 209 18.30 19.07 -10.84
C HIS A 209 17.97 18.56 -12.25
N LYS A 210 17.79 17.24 -12.36
CA LYS A 210 17.52 16.54 -13.63
C LYS A 210 16.38 17.16 -14.46
N PRO A 211 15.22 17.57 -13.91
CA PRO A 211 14.16 18.16 -14.73
C PRO A 211 14.51 19.50 -15.39
N SER A 212 15.44 20.27 -14.82
CA SER A 212 15.96 21.53 -15.42
C SER A 212 17.33 21.36 -16.11
N ASN A 213 17.81 20.11 -16.27
CA ASN A 213 19.04 19.76 -17.01
C ASN A 213 20.32 20.52 -16.57
N THR A 214 20.37 20.96 -15.32
CA THR A 214 21.35 21.97 -14.84
C THR A 214 21.95 21.57 -13.48
N LYS A 215 23.24 21.84 -13.28
CA LYS A 215 23.93 21.66 -11.99
C LYS A 215 24.15 23.00 -11.28
N VAL A 216 23.88 23.03 -9.98
CA VAL A 216 24.08 24.18 -9.07
C VAL A 216 24.90 23.73 -7.86
N ASP A 217 25.87 24.54 -7.40
CA ASP A 217 26.73 24.22 -6.26
C ASP A 217 26.83 25.41 -5.31
N LYS A 218 26.83 25.15 -3.99
CA LYS A 218 26.89 26.20 -2.95
C LYS A 218 27.83 25.83 -1.80
N ARG A 219 28.67 26.77 -1.36
CA ARG A 219 29.63 26.60 -0.26
C ARG A 219 28.98 26.85 1.11
N VAL A 220 29.40 26.09 2.11
CA VAL A 220 29.03 26.24 3.53
C VAL A 220 29.60 27.52 4.10
N GLU A 221 28.76 28.55 4.25
CA GLU A 221 29.01 29.72 5.10
C GLU A 221 27.69 30.49 5.31
N PRO A 222 27.38 30.98 6.53
CA PRO A 222 26.23 31.86 6.79
C PRO A 222 26.28 33.19 6.01
N ASP B 1 -17.58 -6.79 4.88
CA ASP B 1 -17.11 -7.97 5.65
C ASP B 1 -16.83 -7.61 7.11
N ILE B 2 -16.35 -8.58 7.89
CA ILE B 2 -15.93 -8.47 9.29
C ILE B 2 -15.00 -7.26 9.49
N GLN B 3 -15.31 -6.37 10.42
CA GLN B 3 -14.39 -5.31 10.85
C GLN B 3 -13.44 -5.87 11.92
N LEU B 4 -12.24 -5.32 12.02
CA LEU B 4 -11.25 -5.76 13.00
C LEU B 4 -10.58 -4.60 13.72
N THR B 5 -10.07 -4.87 14.92
CA THR B 5 -9.17 -3.99 15.68
C THR B 5 -8.01 -4.82 16.23
N GLN B 6 -6.78 -4.28 16.17
CA GLN B 6 -5.53 -4.93 16.60
C GLN B 6 -4.95 -4.18 17.81
N SER B 7 -4.65 -4.86 18.93
CA SER B 7 -3.95 -4.28 20.09
C SER B 7 -3.54 -5.38 21.09
N PRO B 8 -2.70 -5.08 22.10
CA PRO B 8 -1.72 -4.00 22.17
C PRO B 8 -0.35 -4.46 21.64
N SER B 9 0.57 -3.52 21.45
CA SER B 9 1.99 -3.81 21.29
C SER B 9 2.85 -2.58 21.61
N THR B 10 4.07 -2.84 22.06
CA THR B 10 5.07 -1.83 22.47
C THR B 10 6.47 -2.33 22.09
N VAL B 11 7.49 -1.49 22.29
CA VAL B 11 8.91 -1.86 22.12
C VAL B 11 9.24 -3.16 22.85
N SER B 12 10.09 -4.00 22.27
CA SER B 12 10.73 -5.10 22.99
C SER B 12 11.59 -4.59 24.15
N ALA B 13 12.00 -5.46 25.07
CA ALA B 13 13.07 -5.16 26.03
C ALA B 13 14.47 -5.32 25.41
N SER B 14 14.58 -6.08 24.31
CA SER B 14 15.85 -6.55 23.74
C SER B 14 15.62 -7.22 22.38
N LEU B 15 16.69 -7.70 21.74
CA LEU B 15 16.59 -8.84 20.82
C LEU B 15 16.05 -10.08 21.55
N GLY B 16 15.64 -11.11 20.81
CA GLY B 16 15.28 -12.41 21.42
C GLY B 16 14.09 -12.38 22.39
N ASP B 17 13.34 -11.28 22.42
CA ASP B 17 12.23 -11.04 23.34
C ASP B 17 10.93 -11.73 22.90
N ARG B 18 9.95 -11.77 23.81
CA ARG B 18 8.61 -12.33 23.61
C ARG B 18 7.55 -11.23 23.65
N VAL B 19 6.71 -11.12 22.62
CA VAL B 19 5.56 -10.18 22.59
C VAL B 19 4.31 -10.87 22.04
N THR B 20 3.13 -10.52 22.57
CA THR B 20 1.83 -11.09 22.19
C THR B 20 0.84 -9.98 21.78
N ILE B 21 0.36 -9.99 20.54
CA ILE B 21 -0.49 -8.97 19.92
C ILE B 21 -1.85 -9.58 19.58
N THR B 22 -2.96 -9.01 20.06
CA THR B 22 -4.31 -9.57 19.90
C THR B 22 -5.16 -8.79 18.88
N CYS B 23 -6.29 -9.34 18.47
CA CYS B 23 -7.29 -8.64 17.67
C CYS B 23 -8.71 -9.10 18.00
N ARG B 24 -9.70 -8.24 17.73
CA ARG B 24 -11.14 -8.50 17.92
C ARG B 24 -11.88 -8.38 16.59
N ALA B 25 -12.82 -9.30 16.34
CA ALA B 25 -13.62 -9.37 15.13
C ALA B 25 -15.08 -8.95 15.40
N SER B 26 -15.64 -8.04 14.60
CA SER B 26 -17.03 -7.57 14.80
C SER B 26 -18.11 -8.57 14.35
N GLN B 27 -17.73 -9.61 13.61
CA GLN B 27 -18.60 -10.58 12.91
C GLN B 27 -17.81 -11.87 12.67
N ASP B 28 -18.46 -12.98 12.30
CA ASP B 28 -17.87 -14.33 12.40
C ASP B 28 -17.82 -15.12 11.09
N ILE B 29 -16.80 -15.99 11.04
CA ILE B 29 -16.36 -16.90 9.97
C ILE B 29 -15.74 -18.19 10.58
N GLY B 30 -15.39 -18.18 11.86
CA GLY B 30 -14.44 -19.10 12.51
C GLY B 30 -13.02 -18.53 12.63
N SER B 31 -12.01 -19.40 12.69
CA SER B 31 -10.58 -19.04 12.70
C SER B 31 -9.97 -19.06 11.30
N TRP B 32 -10.55 -18.32 10.35
CA TRP B 32 -10.02 -18.17 8.98
C TRP B 32 -9.07 -16.95 8.96
N LEU B 33 -7.77 -17.20 8.86
CA LEU B 33 -6.76 -16.27 9.36
C LEU B 33 -5.44 -16.29 8.58
N ALA B 34 -4.77 -15.14 8.56
CA ALA B 34 -3.37 -14.95 8.27
C ALA B 34 -2.90 -13.56 8.73
N TRP B 35 -1.61 -13.41 9.04
CA TRP B 35 -1.00 -12.14 9.46
C TRP B 35 -0.02 -11.60 8.40
N TYR B 36 -0.12 -10.32 8.01
CA TYR B 36 0.80 -9.68 7.07
C TYR B 36 1.73 -8.71 7.79
N GLN B 37 3.01 -8.65 7.40
CA GLN B 37 4.08 -7.83 8.00
C GLN B 37 4.60 -6.78 7.03
N GLN B 38 4.75 -5.52 7.46
CA GLN B 38 5.15 -4.38 6.62
C GLN B 38 6.48 -3.75 7.08
N LYS B 39 7.62 -4.28 6.64
CA LYS B 39 8.93 -3.63 6.86
C LYS B 39 8.93 -2.24 6.17
N PRO B 40 9.56 -1.18 6.70
CA PRO B 40 9.37 0.17 6.18
C PRO B 40 10.04 0.36 4.81
N GLY B 41 9.32 0.97 3.86
CA GLY B 41 9.83 1.19 2.50
C GLY B 41 10.05 -0.09 1.70
N LYS B 42 9.21 -1.11 1.91
CA LYS B 42 9.26 -2.44 1.27
C LYS B 42 7.88 -2.93 0.83
N ALA B 43 7.86 -3.98 0.02
CA ALA B 43 6.68 -4.80 -0.20
C ALA B 43 6.29 -5.59 1.07
N PRO B 44 5.01 -5.63 1.51
CA PRO B 44 4.54 -6.47 2.61
C PRO B 44 4.80 -7.97 2.42
N LYS B 45 4.74 -8.74 3.51
CA LYS B 45 5.03 -10.18 3.58
C LYS B 45 3.97 -10.93 4.39
N LEU B 46 3.96 -12.26 4.32
CA LEU B 46 3.00 -13.15 4.99
C LEU B 46 3.64 -14.00 6.14
N LEU B 47 2.87 -14.18 7.21
CA LEU B 47 3.20 -14.93 8.42
C LEU B 47 2.31 -16.19 8.62
N ILE B 48 1.31 -16.15 9.52
CA ILE B 48 0.56 -17.32 10.03
C ILE B 48 -0.44 -17.92 8.99
N TYR B 49 -0.80 -19.20 9.13
CA TYR B 49 -1.82 -19.91 8.33
C TYR B 49 -2.58 -21.02 9.13
N LYS B 50 -3.47 -21.75 8.43
CA LYS B 50 -4.47 -22.76 8.85
C LYS B 50 -5.73 -22.22 9.58
N ALA B 51 -6.87 -22.83 9.23
CA ALA B 51 -8.23 -22.33 9.45
C ALA B 51 -8.89 -22.80 10.78
N SER B 52 -10.23 -22.86 10.85
CA SER B 52 -11.01 -23.39 12.01
C SER B 52 -10.68 -24.83 12.39
N ASN B 53 -10.38 -25.71 11.43
CA ASN B 53 -9.63 -26.94 11.69
C ASN B 53 -8.15 -26.57 11.85
N VAL B 54 -7.71 -26.36 13.09
CA VAL B 54 -6.40 -25.76 13.41
C VAL B 54 -5.26 -26.78 13.24
N GLU B 55 -4.98 -27.16 11.99
CA GLU B 55 -3.83 -27.97 11.61
C GLU B 55 -2.49 -27.23 11.86
N SER B 56 -1.37 -27.93 11.68
CA SER B 56 -0.04 -27.52 12.20
C SER B 56 0.42 -26.12 11.75
N GLY B 57 1.10 -25.40 12.65
CA GLY B 57 1.41 -23.98 12.54
C GLY B 57 2.66 -23.62 11.70
N VAL B 58 3.37 -22.60 12.16
CA VAL B 58 4.32 -21.78 11.39
C VAL B 58 5.78 -22.09 11.76
N PRO B 59 6.72 -22.16 10.80
CA PRO B 59 8.15 -22.27 11.10
C PRO B 59 8.75 -21.11 11.91
N SER B 60 9.88 -21.35 12.58
CA SER B 60 10.68 -20.32 13.28
C SER B 60 9.89 -19.54 14.38
N ARG B 61 10.28 -18.29 14.66
CA ARG B 61 9.86 -17.47 15.82
C ARG B 61 8.39 -17.10 15.92
N PHE B 62 7.60 -17.40 14.89
CA PHE B 62 6.19 -17.01 14.80
C PHE B 62 5.28 -18.01 15.53
N SER B 63 4.15 -17.55 16.06
CA SER B 63 3.04 -18.40 16.53
C SER B 63 1.75 -17.57 16.69
N GLY B 64 0.60 -18.21 16.77
CA GLY B 64 -0.68 -17.54 17.04
C GLY B 64 -1.79 -18.46 17.54
N SER B 65 -2.81 -17.87 18.18
CA SER B 65 -3.90 -18.59 18.84
C SER B 65 -5.20 -17.78 18.87
N GLU B 66 -6.34 -18.46 18.83
CA GLU B 66 -7.67 -17.88 18.57
C GLU B 66 -8.79 -18.60 19.33
N SER B 67 -9.85 -17.85 19.67
CA SER B 67 -11.11 -18.36 20.24
C SER B 67 -12.21 -17.30 20.17
N GLY B 68 -13.49 -17.69 20.22
CA GLY B 68 -14.61 -16.75 20.33
C GLY B 68 -14.67 -15.76 19.16
N THR B 69 -14.36 -14.49 19.44
CA THR B 69 -14.22 -13.39 18.45
C THR B 69 -12.83 -12.73 18.50
N GLU B 70 -11.80 -13.45 18.96
CA GLU B 70 -10.41 -12.96 19.01
C GLU B 70 -9.38 -13.90 18.38
N PHE B 71 -8.30 -13.31 17.86
CA PHE B 71 -7.10 -14.01 17.39
C PHE B 71 -5.82 -13.21 17.72
N THR B 72 -4.69 -13.90 17.86
CA THR B 72 -3.49 -13.36 18.48
C THR B 72 -2.21 -13.91 17.84
N LEU B 73 -1.18 -13.06 17.73
CA LEU B 73 0.17 -13.39 17.27
C LEU B 73 1.13 -13.28 18.45
N THR B 74 1.86 -14.34 18.74
CA THR B 74 2.99 -14.34 19.69
C THR B 74 4.28 -14.53 18.90
N ILE B 75 5.24 -13.61 19.04
CA ILE B 75 6.59 -13.77 18.50
C ILE B 75 7.52 -14.05 19.67
N SER B 76 8.26 -15.15 19.61
CA SER B 76 9.05 -15.67 20.74
C SER B 76 10.56 -15.32 20.70
N SER B 77 11.01 -14.64 19.65
CA SER B 77 12.42 -14.23 19.48
C SER B 77 12.50 -12.97 18.62
N LEU B 78 11.88 -11.89 19.08
CA LEU B 78 11.54 -10.68 18.32
C LEU B 78 12.78 -9.94 17.74
N GLN B 79 12.93 -9.90 16.41
CA GLN B 79 14.14 -9.44 15.69
C GLN B 79 14.03 -7.99 15.16
N PRO B 80 15.15 -7.30 14.85
CA PRO B 80 15.15 -5.91 14.40
C PRO B 80 14.36 -5.56 13.12
N ASP B 81 14.05 -6.54 12.26
CA ASP B 81 13.16 -6.36 11.11
C ASP B 81 11.69 -6.12 11.49
N ASP B 82 11.25 -6.60 12.65
CA ASP B 82 9.86 -6.98 12.89
C ASP B 82 8.94 -5.79 13.27
N VAL B 83 8.83 -4.76 12.42
CA VAL B 83 8.39 -3.40 12.85
C VAL B 83 7.02 -2.87 12.36
N ALA B 84 6.16 -3.64 11.68
CA ALA B 84 4.70 -3.40 11.64
C ALA B 84 3.93 -4.69 11.22
N THR B 85 2.73 -4.94 11.75
CA THR B 85 1.97 -6.20 11.50
C THR B 85 0.42 -6.02 11.47
N TYR B 86 -0.31 -6.90 10.73
CA TYR B 86 -1.74 -6.85 10.31
C TYR B 86 -2.44 -8.24 10.23
N PHE B 87 -3.79 -8.33 10.19
CA PHE B 87 -4.60 -9.58 9.97
C PHE B 87 -5.47 -9.59 8.69
N CYS B 88 -5.80 -10.76 8.15
CA CYS B 88 -6.64 -10.88 6.96
C CYS B 88 -7.33 -12.24 6.73
N GLN B 89 -8.38 -12.26 5.89
CA GLN B 89 -8.88 -13.36 5.02
C GLN B 89 -10.20 -13.04 4.30
N TYR B 90 -10.48 -13.76 3.21
CA TYR B 90 -11.68 -13.74 2.35
C TYR B 90 -12.14 -15.18 2.05
N TYR B 91 -13.43 -15.44 1.82
CA TYR B 91 -14.03 -16.76 2.11
C TYR B 91 -13.90 -17.83 1.00
N ASN B 92 -12.88 -18.69 1.10
CA ASN B 92 -12.85 -20.01 0.45
C ASN B 92 -11.84 -20.99 1.12
N SER B 93 -10.58 -20.57 1.28
CA SER B 93 -9.54 -21.28 2.06
C SER B 93 -8.29 -20.43 2.33
N TYR B 94 -7.84 -19.58 1.39
CA TYR B 94 -6.64 -18.75 1.56
C TYR B 94 -6.49 -17.53 0.61
N SER B 95 -5.51 -16.65 0.90
CA SER B 95 -5.15 -15.36 0.26
C SER B 95 -6.22 -14.26 0.31
N HIS B 96 -5.91 -13.06 -0.20
CA HIS B 96 -6.71 -11.83 -0.24
C HIS B 96 -6.74 -11.06 1.08
N ALA B 97 -7.85 -10.35 1.33
CA ALA B 97 -8.06 -9.35 2.34
C ALA B 97 -9.53 -9.32 2.77
N THR B 98 -9.82 -8.94 4.01
CA THR B 98 -11.20 -8.87 4.55
C THR B 98 -11.90 -7.57 4.09
N VAL B 99 -11.61 -7.12 2.86
CA VAL B 99 -11.81 -5.76 2.30
C VAL B 99 -11.08 -4.65 3.09
N THR B 100 -11.03 -4.74 4.42
CA THR B 100 -9.99 -4.15 5.28
C THR B 100 -9.08 -5.24 5.84
N PHE B 101 -7.78 -4.98 5.94
CA PHE B 101 -6.95 -5.73 6.88
C PHE B 101 -7.35 -5.35 8.32
N GLY B 102 -6.96 -6.16 9.30
CA GLY B 102 -6.95 -5.74 10.71
C GLY B 102 -5.86 -4.68 10.91
N PRO B 103 -6.20 -3.43 11.28
CA PRO B 103 -5.44 -2.19 10.98
C PRO B 103 -4.10 -1.98 11.72
N GLY B 104 -3.56 -3.02 12.34
CA GLY B 104 -2.19 -3.04 12.85
C GLY B 104 -1.89 -2.13 14.04
N THR B 105 -0.69 -2.28 14.60
CA THR B 105 -0.24 -1.64 15.85
C THR B 105 1.28 -1.70 15.92
N LYS B 106 1.97 -0.60 16.25
CA LYS B 106 3.42 -0.47 16.05
C LYS B 106 4.22 -1.53 16.79
N VAL B 107 5.37 -1.90 16.27
CA VAL B 107 6.33 -2.79 16.93
C VAL B 107 7.72 -2.22 16.72
N ASP B 108 8.61 -2.34 17.70
CA ASP B 108 9.99 -1.89 17.57
C ASP B 108 10.93 -2.70 18.47
N ILE B 109 12.22 -2.72 18.15
CA ILE B 109 13.20 -3.64 18.75
C ILE B 109 14.38 -2.89 19.39
N LYS B 110 14.56 -3.11 20.69
CA LYS B 110 15.28 -2.18 21.58
C LYS B 110 16.81 -2.33 21.61
N ARG B 111 17.45 -1.17 21.80
CA ARG B 111 18.76 -0.91 22.43
C ARG B 111 18.56 0.30 23.36
N THR B 112 19.54 0.64 24.19
CA THR B 112 19.42 1.61 25.29
C THR B 112 18.64 2.88 24.91
N VAL B 113 17.66 3.26 25.74
CA VAL B 113 16.81 4.45 25.57
C VAL B 113 17.62 5.75 25.67
N ALA B 114 17.15 6.82 25.05
CA ALA B 114 17.64 8.18 25.30
C ALA B 114 16.50 9.21 25.21
N ALA B 115 16.70 10.39 25.78
CA ALA B 115 16.03 11.62 25.37
C ALA B 115 16.88 12.33 24.27
N PRO B 116 16.31 13.20 23.43
CA PRO B 116 17.04 13.76 22.30
C PRO B 116 18.05 14.85 22.70
N SER B 117 19.14 14.96 21.94
CA SER B 117 19.86 16.23 21.76
C SER B 117 19.09 17.09 20.76
N VAL B 118 18.98 18.40 20.97
CA VAL B 118 18.22 19.31 20.09
C VAL B 118 19.03 20.57 19.79
N PHE B 119 19.10 20.97 18.53
CA PHE B 119 19.80 22.19 18.12
C PHE B 119 18.98 22.97 17.09
N ILE B 120 18.86 24.29 17.23
CA ILE B 120 18.58 25.15 16.07
C ILE B 120 19.88 25.32 15.28
N PHE B 121 19.80 25.40 13.95
CA PHE B 121 20.93 25.70 13.06
C PHE B 121 20.79 27.10 12.41
N PRO B 122 21.85 27.92 12.39
CA PRO B 122 21.79 29.29 11.91
C PRO B 122 21.40 29.35 10.42
N PRO B 123 20.37 30.09 10.04
CA PRO B 123 20.11 30.37 8.63
C PRO B 123 21.19 31.28 8.05
N SER B 124 21.65 31.00 6.83
CA SER B 124 22.51 31.92 6.07
C SER B 124 21.79 33.20 5.66
N ASP B 125 22.51 34.21 5.17
CA ASP B 125 21.92 35.41 4.59
C ASP B 125 20.93 35.10 3.44
N GLU B 126 21.25 34.10 2.61
CA GLU B 126 20.36 33.58 1.57
C GLU B 126 19.07 32.99 2.16
N GLN B 127 19.19 32.23 3.25
CA GLN B 127 18.04 31.71 3.98
C GLN B 127 17.22 32.82 4.63
N LEU B 128 17.86 33.85 5.23
CA LEU B 128 17.21 34.95 5.95
C LEU B 128 16.50 35.95 5.03
N LYS B 129 17.10 36.31 3.89
CA LYS B 129 16.41 37.02 2.79
C LYS B 129 15.16 36.26 2.33
N SER B 130 15.23 34.93 2.33
CA SER B 130 14.13 34.03 2.02
C SER B 130 13.22 33.69 3.22
N GLY B 131 13.48 34.23 4.43
CA GLY B 131 12.77 33.94 5.67
C GLY B 131 12.70 32.46 6.09
N THR B 132 13.64 31.62 5.66
CA THR B 132 13.72 30.19 6.03
C THR B 132 14.57 29.98 7.29
N ALA B 133 14.28 28.94 8.07
CA ALA B 133 15.06 28.54 9.26
C ALA B 133 14.94 27.03 9.51
N SER B 134 15.88 26.43 10.25
CA SER B 134 15.99 24.96 10.38
C SER B 134 16.49 24.46 11.74
N VAL B 135 16.12 23.21 12.09
CA VAL B 135 16.33 22.57 13.40
C VAL B 135 16.63 21.09 13.22
N VAL B 136 17.33 20.48 14.18
CA VAL B 136 17.64 19.05 14.21
C VAL B 136 17.38 18.48 15.59
N CYS B 137 16.92 17.24 15.67
CA CYS B 137 16.92 16.42 16.89
C CYS B 137 17.67 15.11 16.66
N LEU B 138 18.58 14.70 17.55
CA LEU B 138 19.37 13.45 17.46
C LEU B 138 19.19 12.56 18.70
N LEU B 139 19.18 11.24 18.53
CA LEU B 139 18.83 10.27 19.58
C LEU B 139 19.47 8.91 19.24
N ASN B 140 20.41 8.41 20.05
CA ASN B 140 21.04 7.11 19.77
C ASN B 140 20.07 5.93 19.97
N ASN B 141 20.14 4.94 19.07
CA ASN B 141 19.24 3.79 18.96
C ASN B 141 17.81 4.18 18.52
N PHE B 142 17.00 3.19 18.12
CA PHE B 142 15.54 3.30 18.25
C PHE B 142 15.13 2.90 19.66
N TYR B 143 14.62 3.83 20.48
CA TYR B 143 13.68 3.41 21.52
C TYR B 143 12.33 3.12 20.84
N PRO B 144 11.72 4.07 20.10
CA PRO B 144 11.93 5.52 20.11
C PRO B 144 11.18 6.27 21.23
N ARG B 145 11.55 7.54 21.47
CA ARG B 145 10.68 8.54 22.13
C ARG B 145 9.89 9.35 21.09
N GLU B 146 8.91 8.75 20.42
CA GLU B 146 8.21 9.37 19.26
C GLU B 146 7.70 10.79 19.55
N ALA B 147 7.84 11.68 18.57
CA ALA B 147 7.99 13.11 18.83
C ALA B 147 7.22 14.02 17.86
N LYS B 148 7.05 15.28 18.28
CA LYS B 148 6.47 16.38 17.48
C LYS B 148 7.30 17.65 17.63
N VAL B 149 7.64 18.28 16.50
CA VAL B 149 8.18 19.64 16.46
C VAL B 149 7.02 20.64 16.52
N GLN B 150 7.18 21.72 17.27
CA GLN B 150 6.22 22.80 17.38
C GLN B 150 6.94 24.14 17.16
N TRP B 151 7.04 24.56 15.90
CA TRP B 151 7.64 25.84 15.54
C TRP B 151 6.79 27.01 16.05
N LYS B 152 7.41 27.95 16.76
CA LYS B 152 6.77 29.13 17.35
C LYS B 152 7.62 30.39 17.09
N VAL B 153 6.99 31.49 16.69
CA VAL B 153 7.65 32.78 16.39
C VAL B 153 7.01 33.88 17.24
N ASP B 154 7.77 34.49 18.14
CA ASP B 154 7.26 35.43 19.15
C ASP B 154 5.93 34.94 19.79
N ASN B 155 5.92 33.68 20.23
CA ASN B 155 4.78 32.93 20.83
C ASN B 155 3.62 32.52 19.88
N ALA B 156 3.71 32.76 18.56
CA ALA B 156 2.72 32.31 17.57
C ALA B 156 3.12 30.99 16.89
N LEU B 157 2.30 29.95 17.01
CA LEU B 157 2.51 28.62 16.43
C LEU B 157 2.39 28.62 14.89
N GLN B 158 3.28 27.88 14.22
CA GLN B 158 3.47 27.90 12.76
C GLN B 158 2.83 26.69 12.06
N SER B 159 2.12 26.96 10.95
CA SER B 159 1.51 25.95 10.08
C SER B 159 1.25 26.54 8.69
N GLY B 160 1.06 25.68 7.70
CA GLY B 160 0.96 26.08 6.28
C GLY B 160 2.30 26.53 5.67
N ASN B 161 3.41 26.26 6.36
CA ASN B 161 4.77 26.70 6.04
C ASN B 161 5.87 25.78 6.62
N SER B 162 5.57 24.48 6.77
CA SER B 162 6.26 23.56 7.69
C SER B 162 6.50 22.16 7.10
N GLN B 163 7.64 21.52 7.41
CA GLN B 163 8.01 20.17 6.94
C GLN B 163 8.76 19.33 7.99
N GLU B 164 8.51 18.03 8.02
CA GLU B 164 9.05 17.09 9.02
C GLU B 164 9.17 15.67 8.45
N SER B 165 10.21 14.91 8.79
CA SER B 165 10.21 13.44 8.69
C SER B 165 11.33 12.83 9.55
N VAL B 166 11.28 11.54 9.84
CA VAL B 166 12.30 10.82 10.64
C VAL B 166 13.14 9.92 9.75
N THR B 167 14.45 9.99 9.89
CA THR B 167 15.37 9.04 9.24
C THR B 167 15.64 7.83 10.13
N GLU B 168 15.82 6.67 9.50
CA GLU B 168 16.01 5.39 10.17
C GLU B 168 17.31 5.34 10.98
N GLN B 169 17.39 4.39 11.92
CA GLN B 169 18.57 4.14 12.74
C GLN B 169 19.86 4.01 11.89
N ASP B 170 20.83 4.89 12.11
CA ASP B 170 22.10 4.90 11.37
C ASP B 170 22.87 3.58 11.48
N SER B 171 23.43 3.11 10.36
CA SER B 171 24.07 1.79 10.23
C SER B 171 25.29 1.59 11.14
N LYS B 172 25.97 2.66 11.57
CA LYS B 172 27.14 2.61 12.47
C LYS B 172 26.88 3.31 13.81
N ASP B 173 26.28 4.49 13.76
CA ASP B 173 26.05 5.38 14.91
C ASP B 173 24.71 5.10 15.62
N SER B 174 23.82 4.33 14.99
CA SER B 174 22.46 4.06 15.47
C SER B 174 21.59 5.29 15.73
N THR B 175 21.93 6.46 15.20
CA THR B 175 21.12 7.66 15.40
C THR B 175 19.77 7.59 14.68
N TYR B 176 18.69 7.69 15.46
CA TYR B 176 17.40 8.24 15.05
C TYR B 176 17.56 9.75 14.92
N SER B 177 16.98 10.39 13.90
CA SER B 177 16.96 11.84 13.85
C SER B 177 15.83 12.41 13.00
N LEU B 178 15.53 13.67 13.27
CA LEU B 178 14.32 14.34 12.84
C LEU B 178 14.69 15.75 12.47
N SER B 179 14.82 16.04 11.18
CA SER B 179 14.99 17.42 10.72
C SER B 179 13.64 18.15 10.79
N SER B 180 13.66 19.48 10.74
CA SER B 180 12.47 20.26 10.39
C SER B 180 12.84 21.65 9.88
N THR B 181 11.92 22.36 9.25
CA THR B 181 12.13 23.68 8.66
C THR B 181 10.85 24.52 8.69
N LEU B 182 11.04 25.83 8.64
CA LEU B 182 10.02 26.89 8.68
C LEU B 182 10.28 27.91 7.55
N THR B 183 9.27 28.65 7.09
CA THR B 183 9.47 29.80 6.17
C THR B 183 8.45 30.91 6.36
N LEU B 184 8.89 32.17 6.26
CA LEU B 184 8.11 33.42 6.23
C LEU B 184 8.77 34.42 5.26
N SER B 185 8.36 35.69 5.22
CA SER B 185 9.09 36.75 4.47
C SER B 185 10.21 37.39 5.29
N LYS B 186 11.14 38.10 4.66
CA LYS B 186 12.14 38.93 5.38
C LYS B 186 11.47 39.95 6.31
N ALA B 187 10.39 40.58 5.86
CA ALA B 187 9.62 41.52 6.68
C ALA B 187 9.04 40.87 7.95
N ASP B 188 8.69 39.57 7.94
CA ASP B 188 8.32 38.86 9.17
C ASP B 188 9.52 38.70 10.11
N TYR B 189 10.73 38.45 9.61
CA TYR B 189 11.96 38.45 10.41
C TYR B 189 12.39 39.87 10.85
N GLU B 190 11.85 40.93 10.26
CA GLU B 190 11.98 42.31 10.75
C GLU B 190 10.94 42.65 11.83
N LYS B 191 9.68 42.19 11.68
CA LYS B 191 8.60 42.36 12.67
C LYS B 191 8.82 41.54 13.92
N HIS B 192 9.26 40.28 13.77
CA HIS B 192 9.39 39.31 14.86
C HIS B 192 10.84 39.07 15.23
N LYS B 193 11.14 39.10 16.54
CA LYS B 193 12.50 39.08 17.09
C LYS B 193 13.08 37.67 17.24
N VAL B 194 12.28 36.71 17.72
CA VAL B 194 12.74 35.38 18.11
C VAL B 194 11.91 34.27 17.46
N TYR B 195 12.62 33.25 16.99
CA TYR B 195 12.07 32.08 16.32
C TYR B 195 12.48 30.84 17.13
N ALA B 196 11.59 29.87 17.29
CA ALA B 196 11.76 28.79 18.24
C ALA B 196 11.15 27.46 17.78
N CYS B 197 11.71 26.37 18.28
CA CYS B 197 11.10 25.04 18.22
C CYS B 197 10.83 24.55 19.64
N GLU B 198 9.58 24.35 20.01
CA GLU B 198 9.25 23.42 21.09
C GLU B 198 9.35 21.98 20.57
N VAL B 199 9.75 21.05 21.42
CA VAL B 199 9.87 19.64 21.10
C VAL B 199 9.08 18.85 22.15
N THR B 200 8.30 17.88 21.69
CA THR B 200 7.29 17.20 22.50
C THR B 200 7.32 15.71 22.24
N HIS B 201 7.00 14.88 23.24
CA HIS B 201 7.12 13.42 23.17
C HIS B 201 5.93 12.64 23.74
N GLN B 202 5.83 11.37 23.34
CA GLN B 202 5.05 10.34 24.03
C GLN B 202 5.62 10.02 25.43
N GLY B 203 6.96 10.04 25.56
CA GLY B 203 7.66 10.11 26.85
C GLY B 203 7.41 11.46 27.55
N LEU B 204 7.79 11.54 28.82
CA LEU B 204 7.31 12.57 29.76
C LEU B 204 8.02 13.94 29.62
N SER B 205 7.98 14.53 28.42
CA SER B 205 8.53 15.87 28.15
C SER B 205 7.81 16.60 27.01
N SER B 206 7.15 17.73 27.33
CA SER B 206 6.93 18.85 26.38
C SER B 206 7.85 20.06 26.66
N PRO B 207 8.58 20.11 27.79
CA PRO B 207 9.85 20.83 27.86
C PRO B 207 10.89 20.20 26.91
N VAL B 208 12.08 20.80 26.85
CA VAL B 208 13.00 20.82 25.71
C VAL B 208 12.44 21.75 24.61
N THR B 209 13.15 22.84 24.36
CA THR B 209 12.74 23.93 23.47
C THR B 209 13.97 24.77 23.17
N LYS B 210 14.21 25.13 21.91
CA LYS B 210 15.34 25.96 21.47
C LYS B 210 14.83 27.19 20.72
N SER B 211 15.55 28.30 20.80
CA SER B 211 15.15 29.59 20.20
C SER B 211 16.34 30.45 19.80
N PHE B 212 16.18 31.33 18.80
CA PHE B 212 17.23 32.21 18.28
C PHE B 212 16.69 33.55 17.76
N ASN B 213 17.58 34.54 17.68
CA ASN B 213 17.34 35.84 17.08
C ASN B 213 18.21 35.98 15.81
N ARG B 214 17.70 36.71 14.80
CA ARG B 214 18.36 36.93 13.50
C ARG B 214 19.76 37.54 13.60
N GLY B 215 20.03 38.39 14.59
CA GLY B 215 21.30 39.12 14.70
C GLY B 215 22.48 38.33 15.26
N GLU B 216 22.24 37.21 15.95
CA GLU B 216 23.26 36.41 16.65
C GLU B 216 23.72 35.15 15.89
N CYS B 217 23.14 34.90 14.71
CA CYS B 217 23.35 33.70 13.88
C CYS B 217 24.11 34.00 12.58
N ALA C 528 -23.03 -43.90 -6.66
CA ALA C 528 -23.73 -44.00 -7.95
C ALA C 528 -23.60 -42.70 -8.76
N LEU C 529 -23.75 -42.78 -10.09
CA LEU C 529 -23.52 -41.64 -11.01
C LEU C 529 -24.53 -40.49 -10.89
N LEU C 530 -25.67 -40.66 -10.20
CA LEU C 530 -26.66 -39.60 -10.01
C LEU C 530 -26.09 -38.35 -9.30
N ASP C 531 -25.12 -38.50 -8.40
CA ASP C 531 -24.39 -37.36 -7.82
C ASP C 531 -23.56 -36.58 -8.86
N GLU C 532 -22.96 -37.27 -9.82
CA GLU C 532 -22.21 -36.64 -10.91
C GLU C 532 -23.14 -36.01 -11.95
N LEU C 533 -24.28 -36.65 -12.23
CA LEU C 533 -25.34 -36.04 -13.02
C LEU C 533 -25.86 -34.76 -12.35
N LYS C 534 -26.13 -34.79 -11.05
CA LYS C 534 -26.53 -33.60 -10.27
C LYS C 534 -25.45 -32.53 -10.33
N ALA C 535 -24.17 -32.88 -10.22
CA ALA C 535 -23.07 -31.93 -10.36
C ALA C 535 -23.05 -31.26 -11.76
N LEU C 536 -23.08 -32.04 -12.84
CA LEU C 536 -23.15 -31.49 -14.20
C LEU C 536 -24.44 -30.72 -14.47
N THR C 537 -25.55 -31.13 -13.87
CA THR C 537 -26.83 -30.41 -13.92
C THR C 537 -26.71 -29.06 -13.25
N ALA C 538 -25.95 -28.93 -12.16
CA ALA C 538 -25.70 -27.63 -11.53
C ALA C 538 -24.97 -26.67 -12.47
N GLU C 539 -23.93 -27.12 -13.17
CA GLU C 539 -23.29 -26.29 -14.21
C GLU C 539 -24.30 -25.91 -15.30
N LEU C 540 -25.02 -26.89 -15.86
CA LEU C 540 -25.90 -26.64 -17.01
C LEU C 540 -27.13 -25.79 -16.65
N LYS C 541 -27.69 -25.93 -15.44
CA LYS C 541 -28.72 -25.02 -14.93
C LYS C 541 -28.19 -23.58 -14.93
N VAL C 542 -27.03 -23.33 -14.34
CA VAL C 542 -26.47 -21.96 -14.31
C VAL C 542 -26.17 -21.44 -15.71
N TYR C 543 -25.54 -22.24 -16.59
CA TYR C 543 -25.31 -21.82 -17.98
C TYR C 543 -26.63 -21.55 -18.72
N SER C 544 -27.72 -22.27 -18.44
CA SER C 544 -29.05 -21.97 -19.01
C SER C 544 -29.66 -20.68 -18.43
N VAL C 545 -29.39 -20.34 -17.17
CA VAL C 545 -29.78 -19.05 -16.57
C VAL C 545 -29.06 -17.90 -17.25
N ILE C 546 -27.75 -18.04 -17.46
CA ILE C 546 -26.95 -17.08 -18.24
C ILE C 546 -27.52 -16.94 -19.65
N GLN C 547 -27.76 -18.05 -20.36
CA GLN C 547 -28.33 -18.00 -21.70
C GLN C 547 -29.71 -17.34 -21.72
N SER C 548 -30.53 -17.56 -20.69
CA SER C 548 -31.84 -16.91 -20.57
C SER C 548 -31.70 -15.39 -20.46
N GLN C 549 -30.76 -14.90 -19.62
CA GLN C 549 -30.46 -13.47 -19.52
C GLN C 549 -29.91 -12.89 -20.84
N ILE C 550 -29.06 -13.63 -21.55
CA ILE C 550 -28.53 -13.24 -22.86
C ILE C 550 -29.64 -13.17 -23.91
N ASN C 551 -30.51 -14.18 -24.01
CA ASN C 551 -31.64 -14.20 -24.94
C ASN C 551 -32.62 -13.05 -24.66
N ALA C 552 -32.87 -12.72 -23.40
CA ALA C 552 -33.65 -11.54 -23.03
C ALA C 552 -32.96 -10.23 -23.48
N ALA C 553 -31.65 -10.09 -23.24
CA ALA C 553 -30.89 -8.91 -23.68
C ALA C 553 -30.89 -8.73 -25.21
N LEU C 554 -30.69 -9.83 -25.95
CA LEU C 554 -30.81 -9.85 -27.42
C LEU C 554 -32.20 -9.40 -27.87
N SER C 555 -33.26 -9.91 -27.23
CA SER C 555 -34.65 -9.59 -27.57
C SER C 555 -34.98 -8.12 -27.29
N ALA C 556 -34.58 -7.61 -26.13
CA ALA C 556 -34.90 -6.28 -25.64
C ALA C 556 -33.97 -5.16 -26.17
N LYS C 557 -33.03 -5.49 -27.07
CA LYS C 557 -32.03 -4.56 -27.64
C LYS C 557 -31.11 -3.94 -26.58
N GLN C 558 -30.84 -4.67 -25.50
CA GLN C 558 -30.07 -4.20 -24.34
C GLN C 558 -28.64 -4.75 -24.34
N GLY C 559 -27.69 -3.88 -23.99
CA GLY C 559 -26.39 -4.34 -23.52
C GLY C 559 -26.49 -5.04 -22.15
N ILE C 560 -25.41 -5.71 -21.75
CA ILE C 560 -25.33 -6.50 -20.52
C ILE C 560 -24.18 -5.97 -19.65
N ARG C 561 -24.39 -5.96 -18.32
CA ARG C 561 -23.33 -5.81 -17.30
C ARG C 561 -23.14 -7.14 -16.57
N ILE C 562 -21.95 -7.74 -16.64
CA ILE C 562 -21.69 -9.04 -16.04
C ILE C 562 -20.87 -8.99 -14.74
N ASP C 563 -20.25 -7.86 -14.39
CA ASP C 563 -19.44 -7.73 -13.17
C ASP C 563 -20.26 -7.74 -11.86
N ALA C 564 -19.60 -7.48 -10.72
CA ALA C 564 -20.22 -7.46 -9.40
C ALA C 564 -21.43 -6.49 -9.23
N GLY C 565 -21.62 -5.52 -10.13
CA GLY C 565 -22.82 -4.66 -10.18
C GLY C 565 -24.00 -5.27 -10.96
N GLY C 566 -23.77 -6.34 -11.71
CA GLY C 566 -24.75 -7.02 -12.56
C GLY C 566 -25.58 -8.09 -11.84
N ILE C 567 -26.13 -9.02 -12.64
CA ILE C 567 -26.92 -10.17 -12.17
C ILE C 567 -26.09 -11.10 -11.28
N ASP C 568 -26.72 -11.62 -10.23
CA ASP C 568 -26.14 -12.54 -9.24
C ASP C 568 -26.72 -13.96 -9.38
N LEU C 569 -25.89 -14.98 -9.13
CA LEU C 569 -26.19 -16.39 -9.35
C LEU C 569 -26.32 -17.22 -8.06
N VAL C 570 -26.38 -16.60 -6.88
CA VAL C 570 -26.50 -17.32 -5.59
C VAL C 570 -27.94 -17.64 -5.22
N ASP C 571 -28.91 -16.82 -5.65
CA ASP C 571 -30.34 -16.96 -5.34
C ASP C 571 -30.90 -18.36 -5.68
N PRO C 572 -31.35 -19.16 -4.69
CA PRO C 572 -31.85 -20.51 -4.95
C PRO C 572 -33.10 -20.58 -5.84
N THR C 573 -33.86 -19.49 -6.01
CA THR C 573 -35.05 -19.48 -6.88
C THR C 573 -34.69 -19.68 -8.36
N LEU C 574 -33.45 -19.40 -8.75
CA LEU C 574 -32.90 -19.77 -10.07
C LEU C 574 -32.93 -21.29 -10.32
N TYR C 575 -32.97 -22.07 -9.26
CA TYR C 575 -32.89 -23.54 -9.26
C TYR C 575 -34.17 -24.20 -8.71
N GLY C 576 -35.25 -23.41 -8.59
CA GLY C 576 -36.60 -23.86 -8.23
C GLY C 576 -36.92 -23.88 -6.73
N TYR C 577 -35.93 -23.85 -5.84
CA TYR C 577 -36.15 -23.85 -4.39
C TYR C 577 -36.72 -22.51 -3.90
N ALA C 578 -37.63 -22.55 -2.92
CA ALA C 578 -38.31 -21.35 -2.41
C ALA C 578 -37.42 -20.48 -1.51
N VAL C 579 -37.85 -19.24 -1.25
CA VAL C 579 -37.11 -18.28 -0.40
C VAL C 579 -37.00 -18.80 1.04
N GLY C 580 -35.78 -19.06 1.49
CA GLY C 580 -35.50 -19.65 2.81
C GLY C 580 -35.68 -21.17 2.90
N ASP C 581 -35.94 -21.89 1.80
CA ASP C 581 -36.14 -23.34 1.81
C ASP C 581 -34.84 -24.10 2.13
N PRO C 582 -34.71 -24.79 3.28
CA PRO C 582 -33.47 -25.43 3.69
C PRO C 582 -33.00 -26.54 2.75
N ARG C 583 -33.79 -26.97 1.76
CA ARG C 583 -33.29 -27.84 0.69
C ARG C 583 -32.12 -27.21 -0.08
N TRP C 584 -32.00 -25.87 -0.18
CA TRP C 584 -30.84 -25.28 -0.85
C TRP C 584 -29.52 -25.62 -0.15
N LYS C 585 -29.51 -25.79 1.18
CA LYS C 585 -28.30 -26.02 1.98
C LYS C 585 -27.51 -27.26 1.56
N ASP C 586 -28.22 -28.31 1.13
CA ASP C 586 -27.63 -29.55 0.59
C ASP C 586 -27.73 -29.64 -0.95
N SER C 587 -28.37 -28.69 -1.61
CA SER C 587 -28.63 -28.76 -3.06
C SER C 587 -27.31 -28.79 -3.86
N PRO C 588 -27.20 -29.57 -4.94
CA PRO C 588 -26.01 -29.56 -5.80
C PRO C 588 -25.80 -28.18 -6.45
N GLU C 589 -26.88 -27.44 -6.74
CA GLU C 589 -26.81 -26.11 -7.34
C GLU C 589 -26.17 -25.09 -6.39
N TYR C 590 -26.60 -24.98 -5.12
CA TYR C 590 -25.88 -24.09 -4.19
C TYR C 590 -24.50 -24.61 -3.81
N ALA C 591 -24.30 -25.93 -3.69
CA ALA C 591 -23.00 -26.49 -3.30
C ALA C 591 -21.93 -26.14 -4.32
N LEU C 592 -22.15 -26.42 -5.61
CA LEU C 592 -21.19 -26.14 -6.68
C LEU C 592 -21.29 -24.72 -7.26
N LEU C 593 -21.51 -23.75 -6.37
CA LEU C 593 -21.59 -22.33 -6.69
C LEU C 593 -21.20 -21.47 -5.48
N SER C 594 -21.55 -21.86 -4.26
CA SER C 594 -20.89 -21.33 -3.06
C SER C 594 -19.43 -21.75 -3.01
N ASN C 595 -19.11 -23.00 -3.36
CA ASN C 595 -17.74 -23.48 -3.45
C ASN C 595 -17.08 -23.13 -4.79
N LEU C 596 -17.16 -21.86 -5.17
CA LEU C 596 -16.45 -21.30 -6.32
C LEU C 596 -15.40 -20.29 -5.84
N ASP C 597 -14.19 -20.34 -6.38
CA ASP C 597 -13.02 -19.61 -5.89
C ASP C 597 -13.15 -18.07 -5.94
N THR C 598 -14.17 -17.51 -6.56
CA THR C 598 -14.50 -16.09 -6.57
C THR C 598 -15.63 -15.72 -5.59
N PHE C 599 -16.27 -16.67 -4.91
CA PHE C 599 -17.47 -16.46 -4.08
C PHE C 599 -17.18 -15.68 -2.80
N SER C 600 -17.80 -14.52 -2.60
CA SER C 600 -17.76 -13.79 -1.31
C SER C 600 -18.87 -14.22 -0.35
N GLY C 601 -19.88 -14.91 -0.87
CA GLY C 601 -21.25 -14.92 -0.34
C GLY C 601 -22.23 -14.48 -1.44
N LYS C 602 -21.83 -13.52 -2.28
CA LYS C 602 -22.43 -13.19 -3.58
C LYS C 602 -21.61 -13.81 -4.72
N LEU C 603 -22.15 -13.82 -5.93
CA LEU C 603 -21.46 -14.26 -7.13
C LEU C 603 -22.13 -13.67 -8.38
N SER C 604 -21.50 -12.69 -9.03
CA SER C 604 -21.99 -12.17 -10.32
C SER C 604 -21.73 -13.13 -11.47
N ILE C 605 -22.36 -12.89 -12.62
CA ILE C 605 -22.09 -13.66 -13.85
C ILE C 605 -20.60 -13.68 -14.17
N LYS C 606 -19.87 -12.57 -13.99
CA LYS C 606 -18.43 -12.54 -14.25
C LYS C 606 -17.66 -13.30 -13.20
N ASP C 607 -17.99 -13.15 -11.91
CA ASP C 607 -17.34 -13.97 -10.89
C ASP C 607 -17.52 -15.46 -11.19
N PHE C 608 -18.69 -15.84 -11.72
CA PHE C 608 -18.93 -17.17 -12.24
C PHE C 608 -18.06 -17.47 -13.47
N LEU C 609 -18.15 -16.67 -14.53
CA LEU C 609 -17.46 -16.86 -15.80
C LEU C 609 -15.93 -16.68 -15.71
N SER C 610 -15.41 -16.26 -14.56
CA SER C 610 -13.97 -16.19 -14.29
C SER C 610 -13.54 -17.17 -13.18
N GLY C 611 -14.46 -17.91 -12.58
CA GLY C 611 -14.18 -18.73 -11.40
C GLY C 611 -13.60 -20.12 -11.68
N SER C 612 -13.52 -20.93 -10.64
CA SER C 612 -13.07 -22.33 -10.65
C SER C 612 -13.54 -23.04 -9.38
N PRO C 613 -13.57 -24.39 -9.32
CA PRO C 613 -13.41 -25.34 -10.43
C PRO C 613 -14.72 -25.61 -11.19
N LYS C 614 -14.64 -26.07 -12.44
CA LYS C 614 -15.78 -26.52 -13.27
C LYS C 614 -15.37 -27.65 -14.24
N GLN C 615 -16.28 -28.55 -14.58
CA GLN C 615 -16.04 -29.58 -15.61
C GLN C 615 -16.15 -29.03 -17.05
N SER C 616 -16.71 -27.83 -17.25
CA SER C 616 -16.60 -27.06 -18.51
C SER C 616 -15.22 -26.46 -18.78
N GLY C 617 -14.31 -26.48 -17.80
CA GLY C 617 -13.19 -25.53 -17.72
C GLY C 617 -13.69 -24.09 -17.55
N GLU C 618 -12.84 -23.07 -17.73
CA GLU C 618 -13.32 -21.69 -17.74
C GLU C 618 -12.56 -20.75 -18.68
N LEU C 619 -13.27 -19.75 -19.19
CA LEU C 619 -12.81 -18.64 -20.03
C LEU C 619 -11.90 -17.66 -19.27
N LYS C 620 -11.22 -16.79 -20.03
CA LYS C 620 -10.38 -15.67 -19.55
C LYS C 620 -10.46 -14.45 -20.48
N GLY C 621 -10.11 -13.27 -19.96
CA GLY C 621 -10.09 -12.02 -20.74
C GLY C 621 -11.45 -11.36 -21.02
N LEU C 622 -12.53 -11.84 -20.39
CA LEU C 622 -13.90 -11.36 -20.64
C LEU C 622 -14.11 -9.93 -20.11
N LYS C 623 -14.60 -9.02 -20.95
CA LYS C 623 -14.81 -7.62 -20.55
C LYS C 623 -16.12 -7.42 -19.78
N ASP C 624 -16.13 -6.47 -18.86
CA ASP C 624 -17.14 -6.33 -17.79
C ASP C 624 -18.52 -5.87 -18.26
N GLU C 625 -18.61 -5.21 -19.42
CA GLU C 625 -19.87 -4.89 -20.09
C GLU C 625 -19.81 -5.22 -21.58
N TYR C 626 -20.93 -5.60 -22.17
CA TYR C 626 -21.10 -5.71 -23.62
C TYR C 626 -22.26 -4.80 -24.08
N PRO C 627 -22.02 -3.82 -24.96
CA PRO C 627 -23.09 -3.02 -25.57
C PRO C 627 -23.90 -3.81 -26.61
N PHE C 628 -25.07 -3.29 -26.97
CA PHE C 628 -25.87 -3.80 -28.09
C PHE C 628 -25.74 -2.86 -29.29
N GLU C 629 -25.31 -3.38 -30.44
CA GLU C 629 -25.01 -2.61 -31.67
C GLU C 629 -25.41 -3.37 -32.95
N LYS C 630 -25.69 -2.64 -34.04
CA LYS C 630 -26.44 -3.18 -35.19
C LYS C 630 -25.68 -4.19 -36.06
N ASP C 631 -24.36 -4.04 -36.21
CA ASP C 631 -23.49 -4.94 -36.99
C ASP C 631 -22.44 -5.61 -36.11
N ASN C 632 -22.14 -6.90 -36.35
CA ASN C 632 -21.22 -7.73 -35.53
C ASN C 632 -21.51 -7.62 -34.03
N ASN C 633 -22.79 -7.64 -33.65
CA ASN C 633 -23.30 -7.21 -32.34
C ASN C 633 -22.55 -7.90 -31.17
N PRO C 634 -21.93 -7.17 -30.23
CA PRO C 634 -21.09 -7.76 -29.20
C PRO C 634 -21.81 -8.83 -28.36
N VAL C 635 -23.08 -8.62 -28.00
CA VAL C 635 -23.85 -9.63 -27.25
C VAL C 635 -24.03 -10.95 -28.01
N GLY C 636 -24.10 -10.94 -29.35
CA GLY C 636 -24.14 -12.17 -30.15
C GLY C 636 -22.79 -12.88 -30.19
N ASN C 637 -21.69 -12.14 -30.20
CA ASN C 637 -20.34 -12.69 -30.12
C ASN C 637 -20.10 -13.32 -28.73
N PHE C 638 -20.57 -12.64 -27.68
CA PHE C 638 -20.60 -13.17 -26.31
C PHE C 638 -21.45 -14.45 -26.22
N ALA C 639 -22.68 -14.43 -26.73
CA ALA C 639 -23.56 -15.60 -26.78
C ALA C 639 -22.89 -16.79 -27.50
N THR C 640 -22.18 -16.53 -28.61
CA THR C 640 -21.40 -17.54 -29.32
C THR C 640 -20.29 -18.11 -28.44
N THR C 641 -19.56 -17.23 -27.74
CA THR C 641 -18.45 -17.61 -26.84
C THR C 641 -18.93 -18.53 -25.73
N VAL C 642 -20.04 -18.17 -25.07
CA VAL C 642 -20.67 -19.01 -24.03
C VAL C 642 -21.17 -20.33 -24.63
N SER C 643 -21.83 -20.26 -25.79
CA SER C 643 -22.40 -21.45 -26.45
C SER C 643 -21.33 -22.49 -26.77
N ASP C 644 -20.16 -22.09 -27.29
CA ASP C 644 -19.11 -23.06 -27.65
C ASP C 644 -18.62 -23.85 -26.44
N ARG C 645 -18.26 -23.18 -25.33
CA ARG C 645 -17.84 -23.87 -24.10
C ARG C 645 -18.99 -24.60 -23.40
N SER C 646 -20.25 -24.23 -23.63
CA SER C 646 -21.39 -25.01 -23.15
C SER C 646 -21.51 -26.37 -23.86
N ARG C 647 -21.00 -26.53 -25.10
CA ARG C 647 -21.16 -27.78 -25.86
C ARG C 647 -20.40 -28.96 -25.23
N PRO C 648 -19.13 -28.85 -24.80
CA PRO C 648 -18.47 -29.89 -23.99
C PRO C 648 -19.20 -30.25 -22.69
N LEU C 649 -19.90 -29.30 -22.08
CA LEU C 649 -20.78 -29.61 -20.95
C LEU C 649 -22.04 -30.38 -21.38
N ASN C 650 -22.68 -30.02 -22.49
CA ASN C 650 -23.77 -30.81 -23.06
C ASN C 650 -23.32 -32.24 -23.40
N ASP C 651 -22.11 -32.44 -23.93
CA ASP C 651 -21.56 -33.78 -24.15
C ASP C 651 -21.49 -34.61 -22.85
N LYS C 652 -20.98 -34.01 -21.76
CA LYS C 652 -20.92 -34.67 -20.44
C LYS C 652 -22.31 -34.89 -19.81
N VAL C 653 -23.26 -34.00 -20.07
CA VAL C 653 -24.67 -34.20 -19.65
C VAL C 653 -25.34 -35.30 -20.46
N ASN C 654 -25.17 -35.35 -21.78
CA ASN C 654 -25.64 -36.48 -22.60
C ASN C 654 -25.08 -37.79 -22.06
N GLU C 655 -23.77 -37.84 -21.80
CA GLU C 655 -23.09 -38.97 -21.18
C GLU C 655 -23.76 -39.35 -19.85
N LYS C 656 -23.71 -38.49 -18.82
CA LYS C 656 -24.16 -38.87 -17.48
C LYS C 656 -25.69 -38.87 -17.29
N THR C 657 -26.46 -38.52 -18.33
CA THR C 657 -27.90 -38.81 -18.44
C THR C 657 -28.17 -40.17 -19.08
N THR C 658 -27.34 -40.60 -20.05
CA THR C 658 -27.54 -41.87 -20.77
C THR C 658 -26.88 -43.08 -20.09
N LEU C 659 -25.84 -42.88 -19.29
CA LEU C 659 -25.28 -43.91 -18.40
C LEU C 659 -26.28 -44.37 -17.32
#